data_7G1T
#
_entry.id   7G1T
#
_cell.length_a   32.450
_cell.length_b   53.713
_cell.length_c   75.066
_cell.angle_alpha   90.000
_cell.angle_beta   90.000
_cell.angle_gamma   90.000
#
_symmetry.space_group_name_H-M   'P 21 21 21'
#
loop_
_entity.id
_entity.type
_entity.pdbx_description
1 polymer 'Fatty acid-binding protein, adipocyte'
2 non-polymer 6-methyl-3-phenyl-1,2,4-triazin-5-ol
3 non-polymer 'SULFATE ION'
4 water water
#
_entity_poly.entity_id   1
_entity_poly.type   'polypeptide(L)'
_entity_poly.pdbx_seq_one_letter_code
;GSHMCDAFVGTWKLVSSENFDDYMKEVGVGFATRKVAGMAKPNMIISVNGDVITIKSESTFKNTEISFILGQEFDEVTAD
DRKVKSTITLDGGVLVHVQKWDGKSTTIKRKREDDKLVVECVMKGVTSTRVYERA
;
_entity_poly.pdbx_strand_id   A
#
loop_
_chem_comp.id
_chem_comp.type
_chem_comp.name
_chem_comp.formula
SO4 non-polymer 'SULFATE ION' 'O4 S -2'
WPZ non-polymer 6-methyl-3-phenyl-1,2,4-triazin-5-ol 'C10 H9 N3 O'
#
# COMPACT_ATOMS: atom_id res chain seq x y z
N HIS A 3 7.67 -13.84 -13.68
N HIS A 3 8.20 -11.86 -13.02
CA HIS A 3 8.33 -13.91 -12.34
CA HIS A 3 9.04 -12.95 -12.44
C HIS A 3 8.45 -12.49 -11.89
C HIS A 3 9.91 -12.46 -11.27
N MET A 4 7.59 -11.69 -12.50
N MET A 4 10.65 -11.36 -11.45
CA MET A 4 7.46 -10.31 -12.14
CA MET A 4 11.25 -10.73 -10.28
C MET A 4 6.78 -10.25 -10.77
C MET A 4 10.19 -10.41 -9.23
N CYS A 5 7.57 -9.97 -9.76
N CYS A 5 9.01 -10.02 -9.67
CA CYS A 5 7.08 -9.74 -8.39
CA CYS A 5 7.89 -9.64 -8.76
C CYS A 5 7.14 -10.99 -7.58
C CYS A 5 7.45 -10.76 -7.74
N ASP A 6 7.96 -11.96 -7.96
CA ASP A 6 7.84 -13.20 -7.20
C ASP A 6 8.07 -13.08 -5.74
N ALA A 7 9.04 -12.24 -5.39
CA ALA A 7 9.40 -12.12 -3.96
C ALA A 7 8.36 -11.32 -3.18
N PHE A 8 7.40 -10.65 -3.83
CA PHE A 8 6.30 -10.02 -3.15
C PHE A 8 5.11 -10.94 -2.93
N VAL A 9 4.97 -11.99 -3.74
CA VAL A 9 3.76 -12.79 -3.70
C VAL A 9 3.66 -13.50 -2.36
N GLY A 10 2.43 -13.54 -1.83
CA GLY A 10 2.15 -14.25 -0.59
C GLY A 10 1.21 -13.45 0.28
N THR A 11 1.14 -13.90 1.54
CA THR A 11 0.27 -13.33 2.53
C THR A 11 1.17 -12.76 3.63
N TRP A 12 0.96 -11.49 3.92
CA TRP A 12 1.83 -10.72 4.81
C TRP A 12 0.97 -10.12 5.91
N LYS A 13 1.51 -10.00 7.10
CA LYS A 13 0.79 -9.44 8.24
C LYS A 13 1.56 -8.25 8.80
N LEU A 14 0.86 -7.17 9.15
CA LEU A 14 1.48 -5.97 9.71
C LEU A 14 2.09 -6.27 11.07
N VAL A 15 3.36 -5.95 11.28
CA VAL A 15 3.98 -6.11 12.55
C VAL A 15 4.49 -4.85 13.19
N SER A 16 4.70 -3.76 12.47
CA SER A 16 5.00 -2.49 13.12
C SER A 16 4.57 -1.36 12.22
N SER A 17 4.34 -0.21 12.84
CA SER A 17 4.02 1.00 12.13
C SER A 17 4.65 2.18 12.84
N GLU A 18 5.09 3.15 12.07
CA GLU A 18 5.65 4.38 12.60
CA GLU A 18 5.55 4.38 12.65
C GLU A 18 5.05 5.54 11.82
N ASN A 19 4.60 6.56 12.52
CA ASN A 19 4.19 7.83 11.95
CA ASN A 19 4.20 7.86 12.00
C ASN A 19 2.97 7.76 11.08
N PHE A 20 2.17 6.70 11.20
CA PHE A 20 1.03 6.56 10.32
C PHE A 20 -0.06 7.57 10.59
N ASP A 21 -0.31 7.92 11.85
CA ASP A 21 -1.29 8.97 12.13
C ASP A 21 -0.91 10.28 11.46
N ASP A 22 0.36 10.68 11.54
CA ASP A 22 0.81 11.90 10.90
C ASP A 22 0.70 11.81 9.39
N TYR A 23 0.99 10.67 8.80
CA TYR A 23 0.79 10.47 7.37
C TYR A 23 -0.65 10.68 7.01
N MET A 24 -1.56 10.01 7.74
CA MET A 24 -2.98 10.15 7.45
C MET A 24 -3.44 11.60 7.64
N LYS A 25 -2.95 12.31 8.65
CA LYS A 25 -3.29 13.73 8.78
C LYS A 25 -2.89 14.50 7.54
N GLU A 26 -1.68 14.25 7.04
CA GLU A 26 -1.14 14.97 5.89
C GLU A 26 -2.00 14.68 4.66
N VAL A 27 -2.53 13.46 4.53
CA VAL A 27 -3.35 13.05 3.44
C VAL A 27 -4.73 13.71 3.51
N GLY A 28 -5.17 14.05 4.70
CA GLY A 28 -6.47 14.68 4.94
C GLY A 28 -7.52 13.75 5.55
N VAL A 29 -7.09 12.64 6.12
CA VAL A 29 -8.01 11.71 6.77
C VAL A 29 -8.55 12.34 8.06
N GLY A 30 -9.86 12.23 8.28
CA GLY A 30 -10.47 12.80 9.45
C GLY A 30 -10.22 11.99 10.70
N PHE A 31 -10.55 12.60 11.86
CA PHE A 31 -10.21 12.07 13.15
C PHE A 31 -10.70 10.64 13.33
N ALA A 32 -11.98 10.38 13.13
CA ALA A 32 -12.52 9.06 13.51
C ALA A 32 -11.91 7.98 12.65
N THR A 33 -11.77 8.25 11.36
CA THR A 33 -11.12 7.29 10.45
C THR A 33 -9.71 7.08 10.86
N ARG A 34 -8.99 8.14 11.18
CA ARG A 34 -7.58 7.94 11.63
C ARG A 34 -7.51 7.02 12.83
N LYS A 35 -8.39 7.23 13.80
CA LYS A 35 -8.30 6.43 15.03
C LYS A 35 -8.56 4.95 14.73
N VAL A 36 -9.61 4.67 14.00
CA VAL A 36 -9.98 3.27 13.73
C VAL A 36 -9.04 2.65 12.73
N ALA A 37 -8.68 3.36 11.70
CA ALA A 37 -7.75 2.83 10.70
C ALA A 37 -6.36 2.65 11.31
N GLY A 38 -5.94 3.54 12.21
CA GLY A 38 -4.64 3.41 12.82
C GLY A 38 -4.53 2.19 13.71
N MET A 39 -5.68 1.74 14.24
CA MET A 39 -5.72 0.52 15.02
C MET A 39 -5.60 -0.77 14.22
N ALA A 40 -5.90 -0.72 12.93
CA ALA A 40 -6.00 -1.90 12.11
C ALA A 40 -4.63 -2.60 12.01
N LYS A 41 -4.69 -3.91 11.90
CA LYS A 41 -3.53 -4.74 11.68
C LYS A 41 -3.74 -5.53 10.41
N PRO A 42 -3.62 -4.89 9.25
CA PRO A 42 -4.03 -5.54 8.02
C PRO A 42 -3.13 -6.72 7.66
N ASN A 43 -3.76 -7.66 6.94
CA ASN A 43 -3.00 -8.63 6.12
C ASN A 43 -3.03 -8.13 4.70
N MET A 44 -1.87 -8.21 4.02
CA MET A 44 -1.63 -7.77 2.66
C MET A 44 -1.42 -9.07 1.84
N ILE A 45 -2.26 -9.33 0.86
CA ILE A 45 -2.19 -10.56 0.07
CA ILE A 45 -2.23 -10.58 0.06
C ILE A 45 -1.89 -10.18 -1.37
N ILE A 46 -0.73 -10.60 -1.85
CA ILE A 46 -0.24 -10.18 -3.16
C ILE A 46 -0.17 -11.43 -4.04
N SER A 47 -0.73 -11.35 -5.23
CA SER A 47 -0.71 -12.45 -6.19
C SER A 47 -0.53 -11.90 -7.57
N VAL A 48 -0.07 -12.75 -8.46
CA VAL A 48 0.19 -12.39 -9.84
C VAL A 48 -0.42 -13.46 -10.72
N ASN A 49 -1.06 -13.06 -11.80
CA ASN A 49 -1.60 -13.98 -12.82
C ASN A 49 -1.32 -13.30 -14.16
N GLY A 50 -0.34 -13.83 -14.87
CA GLY A 50 0.08 -13.19 -16.11
C GLY A 50 0.65 -11.80 -15.82
N ASP A 51 0.16 -10.80 -16.50
CA ASP A 51 0.56 -9.43 -16.26
C ASP A 51 -0.23 -8.72 -15.18
N VAL A 52 -1.23 -9.38 -14.63
CA VAL A 52 -2.12 -8.73 -13.66
C VAL A 52 -1.65 -9.03 -12.25
N ILE A 53 -1.36 -7.98 -11.48
CA ILE A 53 -1.03 -8.07 -10.08
C ILE A 53 -2.25 -7.70 -9.28
N THR A 54 -2.52 -8.47 -8.23
CA THR A 54 -3.61 -8.18 -7.29
C THR A 54 -3.03 -8.00 -5.92
N ILE A 55 -3.44 -6.91 -5.25
CA ILE A 55 -3.09 -6.63 -3.87
C ILE A 55 -4.37 -6.47 -3.08
N LYS A 56 -4.59 -7.36 -2.13
CA LYS A 56 -5.73 -7.28 -1.22
C LYS A 56 -5.22 -6.84 0.14
N SER A 57 -5.99 -6.02 0.85
CA SER A 57 -5.71 -5.60 2.25
CA SER A 57 -5.70 -5.60 2.26
C SER A 57 -6.95 -5.99 3.03
N GLU A 58 -6.80 -6.88 3.97
CA GLU A 58 -7.91 -7.28 4.83
C GLU A 58 -7.67 -6.92 6.26
N SER A 59 -8.63 -6.27 6.88
CA SER A 59 -8.52 -5.85 8.25
C SER A 59 -9.89 -5.74 8.86
N THR A 60 -9.93 -5.48 10.14
CA THR A 60 -11.19 -5.21 10.79
C THR A 60 -11.84 -3.94 10.31
N PHE A 61 -11.03 -2.98 9.79
CA PHE A 61 -11.51 -1.70 9.33
C PHE A 61 -12.17 -1.80 7.97
N LYS A 62 -11.49 -2.44 7.01
CA LYS A 62 -11.97 -2.52 5.65
C LYS A 62 -11.25 -3.66 4.95
N ASN A 63 -11.93 -4.24 4.00
CA ASN A 63 -11.31 -5.19 3.08
C ASN A 63 -11.29 -4.55 1.70
N THR A 64 -10.11 -4.36 1.11
CA THR A 64 -9.94 -3.75 -0.20
C THR A 64 -9.16 -4.63 -1.11
N GLU A 65 -9.30 -4.38 -2.39
CA GLU A 65 -8.61 -5.16 -3.40
C GLU A 65 -8.35 -4.25 -4.61
N ILE A 66 -7.14 -4.29 -5.14
CA ILE A 66 -6.81 -3.64 -6.40
C ILE A 66 -6.17 -4.70 -7.28
N SER A 67 -6.47 -4.62 -8.58
CA SER A 67 -5.79 -5.38 -9.62
C SER A 67 -5.34 -4.40 -10.68
N PHE A 68 -4.16 -4.64 -11.24
CA PHE A 68 -3.55 -3.67 -12.13
C PHE A 68 -2.44 -4.32 -12.93
N ILE A 69 -2.09 -3.61 -14.01
CA ILE A 69 -0.94 -3.90 -14.84
C ILE A 69 0.06 -2.78 -14.61
N LEU A 70 1.35 -3.13 -14.47
CA LEU A 70 2.37 -2.13 -14.21
C LEU A 70 2.35 -1.08 -15.29
N GLY A 71 2.43 0.18 -14.87
CA GLY A 71 2.47 1.31 -15.75
C GLY A 71 1.15 1.79 -16.29
N GLN A 72 0.06 1.14 -15.96
CA GLN A 72 -1.25 1.38 -16.57
C GLN A 72 -2.20 1.94 -15.50
N GLU A 73 -2.58 3.20 -15.64
CA GLU A 73 -3.38 3.89 -14.64
C GLU A 73 -4.72 3.24 -14.41
N PHE A 74 -5.22 3.33 -13.21
CA PHE A 74 -6.52 2.79 -12.84
C PHE A 74 -7.16 3.70 -11.82
N ASP A 75 -8.49 3.60 -11.70
CA ASP A 75 -9.17 4.37 -10.68
CA ASP A 75 -9.28 4.14 -10.59
C ASP A 75 -9.23 3.38 -9.39
N GLU A 76 -9.05 3.97 -8.23
CA GLU A 76 -8.96 3.27 -6.96
C GLU A 76 -9.83 4.07 -5.96
N VAL A 77 -10.63 3.38 -5.15
CA VAL A 77 -11.28 3.97 -3.98
C VAL A 77 -10.46 3.45 -2.80
N THR A 78 -9.81 4.35 -2.07
CA THR A 78 -8.94 3.98 -1.00
C THR A 78 -9.73 3.61 0.23
N ALA A 79 -9.05 3.06 1.20
CA ALA A 79 -9.76 2.61 2.41
C ALA A 79 -10.43 3.77 3.15
N ASP A 80 -9.84 4.96 3.06
CA ASP A 80 -10.42 6.19 3.64
C ASP A 80 -11.36 6.91 2.69
N ASP A 81 -11.77 6.26 1.60
CA ASP A 81 -12.82 6.73 0.69
C ASP A 81 -12.40 7.87 -0.19
N ARG A 82 -11.09 8.00 -0.47
CA ARG A 82 -10.67 8.90 -1.54
C ARG A 82 -10.86 8.20 -2.87
N LYS A 83 -11.24 8.96 -3.88
CA LYS A 83 -11.34 8.50 -5.23
C LYS A 83 -10.09 9.02 -5.94
N VAL A 84 -9.15 8.10 -6.22
CA VAL A 84 -7.87 8.48 -6.71
C VAL A 84 -7.58 7.82 -8.05
N LYS A 85 -6.64 8.41 -8.78
CA LYS A 85 -6.10 7.79 -9.96
CA LYS A 85 -6.09 7.84 -10.00
C LYS A 85 -4.71 7.28 -9.63
N SER A 86 -4.51 6.00 -9.81
CA SER A 86 -3.31 5.29 -9.36
C SER A 86 -2.54 4.74 -10.50
N THR A 87 -1.21 4.78 -10.37
CA THR A 87 -0.31 4.09 -11.28
C THR A 87 0.74 3.39 -10.45
N ILE A 88 0.98 2.12 -10.73
CA ILE A 88 1.96 1.33 -10.01
C ILE A 88 3.00 0.84 -11.01
N THR A 89 4.27 1.06 -10.68
CA THR A 89 5.39 0.65 -11.49
C THR A 89 6.38 -0.11 -10.63
N LEU A 90 7.31 -0.79 -11.27
CA LEU A 90 8.44 -1.43 -10.61
C LEU A 90 9.69 -0.62 -10.93
N ASP A 91 10.37 -0.10 -9.95
CA ASP A 91 11.56 0.74 -10.13
C ASP A 91 12.64 0.10 -9.37
N GLY A 92 13.60 -0.50 -10.07
CA GLY A 92 14.66 -1.09 -9.35
C GLY A 92 14.24 -2.07 -8.24
N GLY A 93 13.30 -2.89 -8.58
CA GLY A 93 12.80 -3.92 -7.63
C GLY A 93 11.78 -3.46 -6.54
N VAL A 94 11.45 -2.18 -6.54
CA VAL A 94 10.50 -1.56 -5.63
C VAL A 94 9.23 -1.31 -6.34
N LEU A 95 8.08 -1.73 -5.76
CA LEU A 95 6.78 -1.38 -6.31
C LEU A 95 6.46 0.03 -5.86
N VAL A 96 6.22 0.92 -6.80
CA VAL A 96 5.97 2.34 -6.52
C VAL A 96 4.56 2.67 -6.95
N HIS A 97 3.72 3.04 -5.99
CA HIS A 97 2.28 3.26 -6.20
C HIS A 97 2.02 4.75 -5.95
N VAL A 98 1.65 5.47 -7.02
CA VAL A 98 1.36 6.89 -6.94
C VAL A 98 -0.16 7.05 -7.04
N GLN A 99 -0.73 7.81 -6.11
CA GLN A 99 -2.15 8.15 -6.09
C GLN A 99 -2.32 9.64 -6.27
N LYS A 100 -3.18 10.04 -7.21
CA LYS A 100 -3.42 11.43 -7.51
C LYS A 100 -4.92 11.71 -7.27
N TRP A 101 -5.25 12.82 -6.59
CA TRP A 101 -6.61 13.26 -6.39
C TRP A 101 -6.61 14.67 -5.94
N ASP A 102 -7.58 15.43 -6.42
CA ASP A 102 -7.74 16.83 -5.99
C ASP A 102 -6.49 17.69 -6.03
N GLY A 103 -5.65 17.48 -7.03
CA GLY A 103 -4.40 18.21 -7.18
C GLY A 103 -3.30 17.79 -6.23
N LYS A 104 -3.54 16.73 -5.44
CA LYS A 104 -2.63 16.17 -4.46
C LYS A 104 -2.04 14.87 -4.98
N SER A 105 -0.97 14.44 -4.32
CA SER A 105 -0.32 13.19 -4.70
C SER A 105 0.33 12.58 -3.45
N THR A 106 0.25 11.24 -3.38
CA THR A 106 0.98 10.48 -2.39
C THR A 106 1.56 9.27 -3.04
N THR A 107 2.71 8.81 -2.49
CA THR A 107 3.40 7.67 -3.02
C THR A 107 3.61 6.63 -1.94
N ILE A 108 3.29 5.38 -2.28
CA ILE A 108 3.43 4.22 -1.41
C ILE A 108 4.43 3.31 -2.08
N LYS A 109 5.54 3.03 -1.43
CA LYS A 109 6.57 2.11 -1.92
C LYS A 109 6.53 0.82 -1.14
N ARG A 110 6.64 -0.30 -1.80
CA ARG A 110 6.70 -1.63 -1.20
C ARG A 110 8.01 -2.26 -1.65
N LYS A 111 8.79 -2.74 -0.69
CA LYS A 111 10.10 -3.33 -1.00
C LYS A 111 10.33 -4.52 -0.09
N ARG A 112 11.05 -5.49 -0.60
CA ARG A 112 11.48 -6.61 0.19
C ARG A 112 12.80 -6.31 0.82
N GLU A 113 12.90 -6.50 2.12
CA GLU A 113 14.11 -6.23 2.91
CA GLU A 113 14.12 -6.26 2.86
C GLU A 113 14.26 -7.39 3.89
N ASP A 114 15.26 -8.24 3.72
CA ASP A 114 15.40 -9.45 4.52
C ASP A 114 14.10 -10.24 4.37
N ASP A 115 13.52 -10.74 5.46
CA ASP A 115 12.29 -11.48 5.39
C ASP A 115 11.05 -10.62 5.49
N LYS A 116 11.20 -9.32 5.43
CA LYS A 116 10.09 -8.38 5.59
C LYS A 116 9.69 -7.79 4.24
N LEU A 117 8.47 -7.27 4.23
CA LEU A 117 7.98 -6.42 3.19
C LEU A 117 7.75 -5.07 3.86
N VAL A 118 8.52 -4.06 3.45
CA VAL A 118 8.50 -2.77 4.06
C VAL A 118 7.72 -1.81 3.18
N VAL A 119 6.76 -1.12 3.77
CA VAL A 119 5.92 -0.17 3.09
C VAL A 119 6.28 1.23 3.58
N GLU A 120 6.59 2.12 2.66
CA GLU A 120 6.87 3.52 2.96
C GLU A 120 5.82 4.36 2.30
N CYS A 121 5.09 5.15 3.07
CA CYS A 121 4.02 6.00 2.59
C CYS A 121 4.45 7.44 2.78
N VAL A 122 4.44 8.23 1.71
CA VAL A 122 4.94 9.59 1.75
C VAL A 122 3.88 10.55 1.26
N MET A 123 3.64 11.59 2.04
CA MET A 123 2.75 12.68 1.65
C MET A 123 3.53 13.95 2.04
N LYS A 124 3.91 14.75 1.01
CA LYS A 124 4.77 15.89 1.17
C LYS A 124 5.99 15.49 1.98
N GLY A 125 6.25 16.13 3.08
CA GLY A 125 7.42 15.88 3.91
C GLY A 125 7.21 14.77 4.92
N VAL A 126 6.03 14.11 4.96
CA VAL A 126 5.74 13.14 6.01
C VAL A 126 5.80 11.73 5.48
N THR A 127 6.62 10.90 6.13
CA THR A 127 6.78 9.49 5.80
C THR A 127 6.31 8.62 6.92
N SER A 128 5.59 7.58 6.59
CA SER A 128 5.27 6.50 7.51
C SER A 128 5.87 5.20 6.99
N THR A 129 6.42 4.41 7.91
CA THR A 129 7.01 3.14 7.61
C THR A 129 6.22 2.06 8.29
N ARG A 130 5.76 1.08 7.53
CA ARG A 130 4.94 -0.04 7.98
C ARG A 130 5.64 -1.33 7.58
N VAL A 131 5.91 -2.19 8.52
CA VAL A 131 6.65 -3.41 8.30
C VAL A 131 5.70 -4.60 8.37
N TYR A 132 5.79 -5.45 7.36
CA TYR A 132 5.00 -6.68 7.25
C TYR A 132 5.92 -7.86 7.25
N GLU A 133 5.46 -8.96 7.86
CA GLU A 133 6.14 -10.27 7.91
CA GLU A 133 6.22 -10.21 7.69
C GLU A 133 5.25 -11.30 7.22
N ARG A 134 5.81 -12.43 6.79
CA ARG A 134 4.98 -13.51 6.21
C ARG A 134 4.04 -14.00 7.25
N ALA A 135 2.80 -14.23 6.84
CA ALA A 135 1.76 -14.74 7.72
C ALA A 135 2.00 -16.21 7.95
C10 WPZ B . -5.55 -0.54 5.32
C11 WPZ B . -4.28 0.85 6.80
C13 WPZ B . -6.64 -0.40 6.18
N1 WPZ B . -2.00 -0.16 5.36
C2 WPZ B . -3.22 -0.07 4.77
C3 WPZ B . -0.88 -0.26 4.54
N4 WPZ B . -3.40 -0.05 3.43
N5 WPZ B . -2.29 -0.09 2.64
C6 WPZ B . -1.06 -0.33 3.16
C7 WPZ B . -4.35 0.07 5.61
O8 WPZ B . 0.17 -0.54 5.12
C9 WPZ B . 0.09 -0.36 2.22
C12 WPZ B . -5.34 1.01 7.68
C14 WPZ B . -6.53 0.36 7.34
S SO4 C . 11.42 -15.62 0.98
O1 SO4 C . 12.13 -16.74 0.49
O2 SO4 C . 10.29 -16.03 1.84
O3 SO4 C . 12.36 -14.75 1.74
O4 SO4 C . 10.78 -14.92 -0.12
S SO4 D . 1.41 4.81 14.10
O1 SO4 D . 0.42 3.73 14.25
O2 SO4 D . 2.24 4.44 13.08
O3 SO4 D . 2.21 4.93 15.38
O4 SO4 D . 0.69 6.15 13.98
#